data_4FYN
#
_entry.id   4FYN
#
_cell.length_a   39.958
_cell.length_b   85.112
_cell.length_c   90.752
_cell.angle_alpha   90.00
_cell.angle_beta   90.00
_cell.angle_gamma   90.00
#
_symmetry.space_group_name_H-M   'P 21 21 21'
#
loop_
_entity.id
_entity.type
_entity.pdbx_description
1 polymer 'Tyrosine-protein kinase SYK'
2 non-polymer 3-[8-({4-[ethyl(2-hydroxyethyl)amino]phenyl}amino)imidazo[1,2-a]pyrazin-5-yl]phenol
3 water water
#
_entity_poly.entity_id   1
_entity_poly.type   'polypeptide(L)'
_entity_poly.pdbx_seq_one_letter_code
;MALEEIRPKEVYLDRKLLTLEDKELGSGNFGTVKKGYYQMKKVVKTVAVKILKNEANDPALKDELLAEANVMQQLDNPYI
VRMIGICEAESWMLVMEMAELGPLNKYLQQNRHVKDKNIIELVHQVSMGMKYLEESNFVHRDLAARNVLLVTQHYAKISD
FGLSKALRADENYYKAQTHGKWPVKWYAPECINYYKFSSKSDVWSFGVLMWEAFSYGQKPYRGMKGSEVTAMLEKGERMG
CPAGCPREMYDLMNLCWTYDVENRPGFAAVELRLRNYYYDVVNEGHHHHHH
;
_entity_poly.pdbx_strand_id   A
#
loop_
_chem_comp.id
_chem_comp.type
_chem_comp.name
_chem_comp.formula
0VE non-polymer 3-[8-({4-[ethyl(2-hydroxyethyl)amino]phenyl}amino)imidazo[1,2-a]pyrazin-5-yl]phenol 'C22 H23 N5 O2'
#
# COMPACT_ATOMS: atom_id res chain seq x y z
N VAL A 11 -19.49 -12.61 4.44
CA VAL A 11 -19.25 -11.16 4.77
C VAL A 11 -19.68 -10.84 6.21
N TYR A 12 -20.66 -11.56 6.73
CA TYR A 12 -21.06 -11.37 8.13
C TYR A 12 -20.58 -12.46 9.05
N LEU A 13 -19.99 -12.05 10.16
CA LEU A 13 -19.31 -12.97 11.02
C LEU A 13 -19.99 -13.11 12.36
N ASP A 14 -19.72 -14.25 13.00
CA ASP A 14 -20.30 -14.63 14.25
C ASP A 14 -19.44 -14.12 15.39
N ARG A 15 -19.91 -13.09 16.08
CA ARG A 15 -19.19 -12.48 17.20
C ARG A 15 -18.63 -13.51 18.20
N LYS A 16 -19.42 -14.53 18.50
CA LYS A 16 -19.00 -15.60 19.42
C LYS A 16 -17.87 -16.49 18.89
N LEU A 17 -17.78 -16.63 17.56
CA LEU A 17 -16.64 -17.33 16.92
C LEU A 17 -15.35 -16.48 16.89
N LEU A 18 -15.45 -15.20 17.25
CA LEU A 18 -14.31 -14.29 17.24
C LEU A 18 -13.68 -14.13 18.63
N THR A 19 -12.36 -14.30 18.70
CA THR A 19 -11.62 -14.08 19.94
C THR A 19 -10.65 -12.89 19.80
N LEU A 20 -10.73 -11.94 20.72
CA LEU A 20 -9.89 -10.74 20.68
C LEU A 20 -8.91 -10.71 21.84
N GLU A 21 -7.66 -10.38 21.53
CA GLU A 21 -6.62 -10.24 22.54
C GLU A 21 -6.60 -8.81 23.10
N ASP A 22 -6.31 -8.70 24.40
CA ASP A 22 -6.20 -7.42 25.10
C ASP A 22 -5.17 -6.49 24.43
N LYS A 23 -4.09 -7.09 23.94
CA LYS A 23 -3.08 -6.41 23.15
C LYS A 23 -3.70 -5.69 21.96
N GLU A 24 -3.26 -4.44 21.78
CA GLU A 24 -3.68 -3.59 20.69
C GLU A 24 -2.51 -3.52 19.71
N LEU A 25 -2.75 -3.91 18.45
CA LEU A 25 -1.68 -3.87 17.45
C LEU A 25 -1.32 -2.45 16.99
N GLY A 26 -2.35 -1.63 16.81
CA GLY A 26 -2.21 -0.23 16.38
C GLY A 26 -3.36 0.62 16.88
N SER A 27 -3.38 1.89 16.47
CA SER A 27 -4.37 2.84 16.99
C SER A 27 -4.93 3.76 15.90
N ASN A 29 -7.46 8.31 15.48
CA ASN A 29 -8.30 8.09 14.26
C ASN A 29 -9.64 7.41 14.57
N PHE A 30 -9.88 6.27 13.91
CA PHE A 30 -11.13 5.52 13.94
C PHE A 30 -11.35 4.76 15.24
N GLY A 31 -10.25 4.41 15.89
CA GLY A 31 -10.30 3.51 17.03
C GLY A 31 -9.09 2.61 17.04
N THR A 32 -9.30 1.31 17.14
CA THR A 32 -8.21 0.36 17.41
C THR A 32 -8.07 -0.78 16.41
N VAL A 33 -6.89 -1.40 16.39
CA VAL A 33 -6.62 -2.59 15.61
C VAL A 33 -6.12 -3.66 16.58
N LYS A 34 -6.86 -4.76 16.70
CA LYS A 34 -6.50 -5.82 17.64
C LYS A 34 -6.26 -7.14 16.93
N LYS A 35 -5.53 -8.03 17.60
CA LYS A 35 -5.27 -9.37 17.09
C LYS A 35 -6.26 -10.36 17.69
N GLY A 36 -6.58 -11.39 16.92
CA GLY A 36 -7.46 -12.43 17.37
C GLY A 36 -7.52 -13.59 16.39
N TYR A 37 -8.44 -14.51 16.65
CA TYR A 37 -8.60 -15.69 15.80
C TYR A 37 -10.06 -15.93 15.52
N TYR A 38 -10.36 -16.30 14.28
CA TYR A 38 -11.71 -16.65 13.90
C TYR A 38 -11.78 -18.16 13.68
N GLN A 39 -12.70 -18.78 14.42
CA GLN A 39 -12.95 -20.23 14.33
C GLN A 39 -13.67 -20.52 13.03
N MET A 40 -12.95 -21.17 12.12
CA MET A 40 -13.44 -21.43 10.76
C MET A 40 -14.03 -22.82 10.65
N LYS A 41 -14.15 -23.28 9.39
CA LYS A 41 -14.70 -24.59 9.06
C LYS A 41 -14.13 -25.72 9.91
N LYS A 42 -12.80 -25.80 9.95
CA LYS A 42 -12.08 -26.85 10.68
C LYS A 42 -10.84 -26.26 11.37
N VAL A 43 -10.19 -25.35 10.66
CA VAL A 43 -8.98 -24.67 11.15
C VAL A 43 -9.32 -23.37 11.86
N VAL A 44 -8.35 -22.83 12.59
CA VAL A 44 -8.54 -21.53 13.24
C VAL A 44 -7.62 -20.48 12.62
N LYS A 45 -8.23 -19.35 12.26
CA LYS A 45 -7.54 -18.32 11.51
C LYS A 45 -7.13 -17.11 12.34
N THR A 46 -5.84 -16.85 12.35
CA THR A 46 -5.27 -15.64 12.93
C THR A 46 -5.72 -14.43 12.12
N VAL A 47 -6.15 -13.38 12.82
CA VAL A 47 -6.75 -12.22 12.16
C VAL A 47 -6.32 -10.90 12.78
N ALA A 48 -6.42 -9.84 11.99
CA ALA A 48 -6.29 -8.50 12.53
C ALA A 48 -7.67 -7.86 12.42
N VAL A 49 -8.08 -7.13 13.46
CA VAL A 49 -9.44 -6.60 13.46
C VAL A 49 -9.49 -5.08 13.66
N LYS A 50 -9.88 -4.38 12.60
CA LYS A 50 -10.14 -2.95 12.69
C LYS A 50 -11.47 -2.67 13.43
N ILE A 51 -11.38 -1.99 14.57
CA ILE A 51 -12.53 -1.72 15.46
C ILE A 51 -12.79 -0.22 15.66
N LEU A 52 -14.05 0.19 15.46
CA LEU A 52 -14.45 1.60 15.63
C LEU A 52 -14.79 1.98 17.08
N LYS A 53 -14.93 3.29 17.32
CA LYS A 53 -15.30 3.84 18.63
C LYS A 53 -16.79 3.66 18.98
N PRO A 59 -21.75 7.85 13.10
CA PRO A 59 -22.56 7.59 11.91
C PRO A 59 -21.73 7.47 10.63
N ALA A 60 -21.02 8.54 10.26
CA ALA A 60 -20.24 8.56 9.04
C ALA A 60 -18.95 7.76 9.18
N LEU A 61 -18.47 7.62 10.42
CA LEU A 61 -17.32 6.79 10.70
C LEU A 61 -17.63 5.31 10.40
N LYS A 62 -18.91 4.95 10.54
CA LYS A 62 -19.39 3.59 10.28
C LYS A 62 -19.56 3.31 8.79
N ASP A 63 -19.92 4.34 8.04
CA ASP A 63 -20.17 4.21 6.60
C ASP A 63 -18.87 4.02 5.83
N GLU A 64 -17.79 4.64 6.31
CA GLU A 64 -16.47 4.47 5.68
C GLU A 64 -16.02 3.02 5.79
N LEU A 65 -16.28 2.40 6.93
CA LEU A 65 -15.89 1.01 7.18
C LEU A 65 -16.58 0.04 6.21
N LEU A 66 -17.89 0.22 6.06
CA LEU A 66 -18.68 -0.59 5.14
C LEU A 66 -18.18 -0.49 3.69
N ALA A 67 -17.98 0.75 3.23
CA ALA A 67 -17.40 1.02 1.93
C ALA A 67 -16.03 0.34 1.77
N GLU A 68 -15.17 0.50 2.78
CA GLU A 68 -13.86 -0.14 2.82
C GLU A 68 -13.96 -1.67 2.66
N ALA A 69 -14.80 -2.30 3.49
CA ALA A 69 -15.10 -3.73 3.39
C ALA A 69 -15.58 -4.13 1.99
N ASN A 70 -16.46 -3.32 1.40
CA ASN A 70 -16.97 -3.61 0.07
C ASN A 70 -15.90 -3.63 -1.02
N VAL A 71 -14.86 -2.81 -0.87
CA VAL A 71 -13.74 -2.81 -1.79
C VAL A 71 -12.91 -4.09 -1.67
N MET A 72 -12.55 -4.46 -0.45
CA MET A 72 -11.72 -5.65 -0.21
C MET A 72 -12.46 -6.89 -0.64
N GLN A 73 -13.78 -6.85 -0.46
CA GLN A 73 -14.70 -7.91 -0.90
C GLN A 73 -14.46 -8.29 -2.35
N GLN A 74 -14.17 -7.30 -3.18
CA GLN A 74 -14.05 -7.50 -4.62
C GLN A 74 -12.64 -7.90 -5.07
N LEU A 75 -11.68 -7.85 -4.14
CA LEU A 75 -10.27 -8.02 -4.50
C LEU A 75 -9.76 -9.40 -4.12
N ASP A 76 -9.16 -10.05 -5.10
CA ASP A 76 -8.72 -11.44 -5.01
C ASP A 76 -7.34 -11.54 -5.70
N ASN A 77 -6.28 -11.47 -4.88
CA ASN A 77 -4.88 -11.42 -5.34
C ASN A 77 -3.95 -11.79 -4.18
N PRO A 78 -2.84 -12.50 -4.47
CA PRO A 78 -1.87 -12.87 -3.43
C PRO A 78 -1.19 -11.69 -2.73
N TYR A 79 -1.15 -10.54 -3.41
CA TYR A 79 -0.36 -9.39 -2.97
C TYR A 79 -1.22 -8.29 -2.42
N ILE A 80 -2.45 -8.65 -2.07
CA ILE A 80 -3.40 -7.76 -1.46
C ILE A 80 -3.99 -8.49 -0.26
N VAL A 81 -4.01 -7.79 0.88
CA VAL A 81 -4.62 -8.31 2.12
C VAL A 81 -6.06 -8.74 1.84
N ARG A 82 -6.42 -9.92 2.36
CA ARG A 82 -7.78 -10.47 2.28
C ARG A 82 -8.64 -10.19 3.52
N MET A 83 -9.86 -9.75 3.28
CA MET A 83 -10.87 -9.57 4.32
C MET A 83 -11.62 -10.90 4.58
N ILE A 84 -11.88 -11.18 5.86
CA ILE A 84 -12.72 -12.34 6.26
C ILE A 84 -14.19 -11.91 6.32
N GLY A 85 -14.46 -10.75 6.90
CA GLY A 85 -15.80 -10.18 6.91
C GLY A 85 -15.94 -9.12 7.97
N ILE A 86 -17.18 -8.82 8.32
CA ILE A 86 -17.51 -7.74 9.24
C ILE A 86 -18.37 -8.22 10.42
N CYS A 87 -18.49 -7.39 11.44
CA CYS A 87 -19.16 -7.80 12.67
C CYS A 87 -19.72 -6.58 13.39
N GLU A 88 -20.99 -6.66 13.77
CA GLU A 88 -21.60 -5.65 14.62
C GLU A 88 -21.74 -6.23 16.02
N ALA A 89 -21.07 -5.61 16.98
CA ALA A 89 -21.19 -5.96 18.40
C ALA A 89 -20.91 -4.72 19.23
N GLU A 90 -20.04 -4.80 20.24
CA GLU A 90 -19.69 -3.63 21.04
C GLU A 90 -19.43 -2.45 20.11
N SER A 91 -18.78 -2.75 18.98
CA SER A 91 -18.50 -1.78 17.93
C SER A 91 -18.50 -2.48 16.56
N TRP A 92 -18.34 -1.69 15.50
CA TRP A 92 -18.16 -2.24 14.16
C TRP A 92 -16.72 -2.72 13.94
N MET A 93 -16.60 -3.91 13.37
CA MET A 93 -15.33 -4.60 13.31
C MET A 93 -15.07 -5.15 11.90
N LEU A 94 -13.88 -4.85 11.37
CA LEU A 94 -13.44 -5.36 10.08
C LEU A 94 -12.31 -6.36 10.27
N VAL A 95 -12.63 -7.62 9.97
CA VAL A 95 -11.79 -8.78 10.25
C VAL A 95 -11.06 -9.21 8.99
N MET A 96 -9.73 -9.28 9.09
CA MET A 96 -8.86 -9.58 7.94
C MET A 96 -7.81 -10.60 8.32
N GLU A 97 -7.36 -11.37 7.32
CA GLU A 97 -6.19 -12.23 7.42
C GLU A 97 -5.09 -11.46 8.14
N MET A 98 -4.37 -12.12 9.02
CA MET A 98 -3.28 -11.45 9.72
C MET A 98 -1.98 -11.45 8.89
N ALA A 99 -1.37 -10.26 8.76
CA ALA A 99 -0.01 -10.12 8.24
C ALA A 99 0.96 -9.92 9.41
N GLU A 100 1.65 -11.01 9.77
CA GLU A 100 2.32 -11.11 11.07
C GLU A 100 3.39 -10.08 11.36
N LEU A 101 4.20 -9.76 10.34
CA LEU A 101 5.37 -8.90 10.52
C LEU A 101 5.06 -7.39 10.39
N GLY A 102 3.82 -7.03 10.07
CA GLY A 102 3.38 -5.63 10.07
C GLY A 102 3.94 -4.76 8.96
N PRO A 103 3.81 -3.42 9.12
CA PRO A 103 4.14 -2.39 8.12
C PRO A 103 5.57 -2.46 7.60
N LEU A 104 5.73 -2.43 6.27
CA LEU A 104 7.04 -2.45 5.60
C LEU A 104 8.04 -1.39 6.10
N ASN A 105 7.58 -0.15 6.30
CA ASN A 105 8.50 0.89 6.75
C ASN A 105 9.15 0.57 8.11
N LYS A 106 8.35 0.08 9.05
CA LYS A 106 8.82 -0.16 10.40
C LYS A 106 9.69 -1.38 10.46
N TYR A 107 9.38 -2.36 9.62
CA TYR A 107 10.20 -3.56 9.54
C TYR A 107 11.61 -3.18 9.13
N LEU A 108 11.71 -2.37 8.08
CA LEU A 108 13.00 -1.95 7.53
C LEU A 108 13.75 -1.01 8.47
N GLN A 109 13.00 -0.15 9.19
CA GLN A 109 13.57 0.71 10.23
C GLN A 109 14.30 -0.11 11.28
N GLN A 110 13.71 -1.25 11.67
CA GLN A 110 14.27 -2.11 12.70
C GLN A 110 15.13 -3.25 12.16
N ASN A 111 15.20 -3.37 10.84
CA ASN A 111 15.99 -4.44 10.22
C ASN A 111 16.82 -3.91 9.06
N ARG A 112 17.88 -3.16 9.35
CA ARG A 112 18.71 -2.50 8.34
C ARG A 112 19.63 -3.43 7.56
N HIS A 113 19.62 -4.71 7.94
CA HIS A 113 20.46 -5.75 7.34
C HIS A 113 19.91 -6.22 6.00
N VAL A 114 18.62 -5.95 5.79
CA VAL A 114 17.86 -6.53 4.69
C VAL A 114 18.57 -6.26 3.39
N LYS A 115 18.72 -7.30 2.59
CA LYS A 115 19.55 -7.18 1.41
C LYS A 115 18.82 -6.51 0.26
N ASP A 116 19.62 -5.94 -0.64
CA ASP A 116 19.15 -5.24 -1.81
C ASP A 116 18.17 -6.07 -2.66
N LYS A 117 18.52 -7.34 -2.91
CA LYS A 117 17.66 -8.27 -3.66
C LYS A 117 16.31 -8.53 -2.99
N ASN A 118 16.29 -8.50 -1.67
CA ASN A 118 15.11 -8.78 -0.88
C ASN A 118 14.11 -7.61 -0.92
N ILE A 119 14.65 -6.39 -1.03
CA ILE A 119 13.83 -5.20 -1.16
C ILE A 119 13.24 -5.11 -2.56
N ILE A 120 14.07 -5.40 -3.58
CA ILE A 120 13.63 -5.45 -4.98
C ILE A 120 12.54 -6.51 -5.16
N GLU A 121 12.71 -7.63 -4.47
CA GLU A 121 11.66 -8.66 -4.40
C GLU A 121 10.36 -8.12 -3.79
N LEU A 122 10.45 -7.45 -2.65
CA LEU A 122 9.22 -6.94 -2.00
C LEU A 122 8.52 -5.82 -2.78
N VAL A 123 9.30 -4.99 -3.50
CA VAL A 123 8.70 -3.87 -4.24
C VAL A 123 8.08 -4.41 -5.52
N HIS A 124 8.67 -5.47 -6.05
CA HIS A 124 8.09 -6.12 -7.21
C HIS A 124 6.76 -6.77 -6.87
N GLN A 125 6.66 -7.44 -5.74
CA GLN A 125 5.39 -8.00 -5.27
C GLN A 125 4.30 -6.93 -5.16
N VAL A 126 4.66 -5.74 -4.68
CA VAL A 126 3.71 -4.62 -4.59
C VAL A 126 3.33 -4.14 -5.99
N SER A 127 4.27 -4.22 -6.94
CA SER A 127 3.95 -3.87 -8.34
C SER A 127 2.90 -4.82 -8.92
N MET A 128 3.03 -6.11 -8.58
CA MET A 128 2.05 -7.12 -9.00
C MET A 128 0.65 -6.86 -8.40
N GLY A 129 0.57 -6.64 -7.09
CA GLY A 129 -0.68 -6.25 -6.45
C GLY A 129 -1.27 -4.99 -7.09
N MET A 130 -0.42 -4.01 -7.39
CA MET A 130 -0.88 -2.79 -8.07
C MET A 130 -1.29 -2.97 -9.54
N LYS A 131 -0.59 -3.84 -10.29
CA LYS A 131 -1.01 -4.16 -11.65
C LYS A 131 -2.42 -4.79 -11.69
N TYR A 132 -2.73 -5.61 -10.69
CA TYR A 132 -4.05 -6.23 -10.53
C TYR A 132 -5.11 -5.20 -10.21
N LEU A 133 -4.82 -4.34 -9.24
CA LEU A 133 -5.76 -3.32 -8.80
C LEU A 133 -6.08 -2.36 -9.96
N GLU A 134 -5.08 -2.16 -10.83
CA GLU A 134 -5.24 -1.37 -12.06
C GLU A 134 -6.17 -2.08 -13.02
N GLU A 135 -5.85 -3.33 -13.36
CA GLU A 135 -6.69 -4.20 -14.22
C GLU A 135 -8.14 -4.14 -13.75
N SER A 136 -8.32 -4.13 -12.44
CA SER A 136 -9.64 -4.16 -11.81
C SER A 136 -10.30 -2.78 -11.73
N ASN A 137 -9.60 -1.76 -12.21
CA ASN A 137 -10.09 -0.37 -12.23
C ASN A 137 -10.46 0.17 -10.85
N PHE A 138 -9.58 -0.09 -9.88
CA PHE A 138 -9.68 0.52 -8.56
C PHE A 138 -8.53 1.49 -8.34
N VAL A 139 -8.81 2.65 -7.75
CA VAL A 139 -7.73 3.52 -7.28
C VAL A 139 -7.49 3.34 -5.77
N HIS A 140 -6.24 3.23 -5.36
CA HIS A 140 -5.90 3.05 -3.95
C HIS A 140 -6.00 4.37 -3.16
N ARG A 141 -5.27 5.37 -3.65
CA ARG A 141 -5.26 6.75 -3.13
C ARG A 141 -4.50 6.89 -1.82
N ASP A 142 -3.83 5.84 -1.38
CA ASP A 142 -3.10 5.89 -0.11
C ASP A 142 -1.94 4.89 -0.06
N LEU A 143 -1.20 4.79 -1.17
CA LEU A 143 -0.18 3.76 -1.32
C LEU A 143 1.13 4.26 -0.77
N ALA A 144 1.45 3.80 0.43
CA ALA A 144 2.59 4.27 1.20
C ALA A 144 3.28 3.05 1.82
N ALA A 145 4.59 3.13 2.06
CA ALA A 145 5.30 2.04 2.74
C ALA A 145 4.58 1.62 4.04
N ARG A 146 4.03 2.58 4.79
CA ARG A 146 3.25 2.25 6.01
C ARG A 146 2.07 1.30 5.77
N ASN A 147 1.56 1.30 4.54
CA ASN A 147 0.39 0.52 4.14
C ASN A 147 0.74 -0.72 3.33
N VAL A 148 1.96 -1.19 3.50
CA VAL A 148 2.37 -2.45 2.95
C VAL A 148 2.68 -3.29 4.19
N LEU A 149 2.14 -4.50 4.25
CA LEU A 149 2.36 -5.36 5.40
C LEU A 149 3.09 -6.62 4.99
N LEU A 150 3.89 -7.16 5.91
CA LEU A 150 4.65 -8.37 5.65
C LEU A 150 4.03 -9.64 6.23
N VAL A 151 3.77 -10.59 5.34
CA VAL A 151 3.43 -11.94 5.73
C VAL A 151 4.73 -12.57 6.22
N THR A 152 5.75 -12.52 5.38
CA THR A 152 7.11 -12.93 5.76
C THR A 152 8.10 -11.88 5.27
N GLN A 153 9.39 -12.12 5.48
CA GLN A 153 10.42 -11.20 5.00
C GLN A 153 10.48 -11.16 3.47
N HIS A 154 9.75 -12.06 2.83
CA HIS A 154 9.80 -12.20 1.39
C HIS A 154 8.40 -12.26 0.80
N TYR A 155 7.42 -11.80 1.57
CA TYR A 155 6.03 -11.81 1.14
C TYR A 155 5.33 -10.55 1.62
N ALA A 156 4.97 -9.70 0.66
CA ALA A 156 4.37 -8.41 0.96
C ALA A 156 2.93 -8.32 0.42
N LYS A 157 2.09 -7.59 1.15
CA LYS A 157 0.69 -7.39 0.79
C LYS A 157 0.26 -5.95 1.03
N ILE A 158 -0.45 -5.42 0.04
CA ILE A 158 -1.02 -4.07 0.08
C ILE A 158 -2.23 -4.02 1.03
N SER A 159 -2.25 -3.03 1.91
CA SER A 159 -3.35 -2.85 2.85
C SER A 159 -3.94 -1.46 2.75
N ASP A 160 -4.86 -1.18 3.66
CA ASP A 160 -5.55 0.10 3.84
C ASP A 160 -6.30 0.66 2.65
N PHE A 161 -7.54 0.19 2.48
CA PHE A 161 -8.38 0.63 1.38
C PHE A 161 -9.47 1.62 1.79
N GLY A 162 -9.30 2.29 2.92
CA GLY A 162 -10.23 3.30 3.38
C GLY A 162 -10.39 4.53 2.49
N LEU A 163 -9.42 4.75 1.58
CA LEU A 163 -9.47 5.86 0.64
C LEU A 163 -9.71 5.41 -0.80
N SER A 164 -9.92 4.12 -0.98
CA SER A 164 -10.03 3.49 -2.30
C SER A 164 -11.39 3.70 -2.93
N LYS A 165 -11.40 3.78 -4.26
CA LYS A 165 -12.62 4.01 -5.00
C LYS A 165 -12.62 3.14 -6.23
N ALA A 166 -13.78 2.57 -6.53
CA ALA A 166 -13.97 1.86 -7.79
C ALA A 166 -14.31 2.92 -8.83
N LEU A 167 -13.54 2.94 -9.92
CA LEU A 167 -13.77 3.89 -11.00
C LEU A 167 -15.09 3.60 -11.73
N ARG A 168 -15.72 4.66 -12.22
CA ARG A 168 -16.94 4.52 -13.01
C ARG A 168 -16.53 3.97 -14.35
N ALA A 169 -17.44 3.22 -14.99
CA ALA A 169 -17.15 2.63 -16.31
C ALA A 169 -16.77 3.66 -17.38
N ASP A 170 -17.18 4.92 -17.19
CA ASP A 170 -16.98 5.96 -18.21
C ASP A 170 -15.74 6.82 -18.00
N GLU A 171 -15.22 6.82 -16.79
CA GLU A 171 -14.05 7.62 -16.43
C GLU A 171 -12.86 6.79 -15.94
N ASN A 172 -11.65 7.31 -16.12
CA ASN A 172 -10.46 6.60 -15.61
C ASN A 172 -9.78 7.29 -14.43
N TYR A 173 -10.47 8.27 -13.85
CA TYR A 173 -10.04 8.94 -12.63
C TYR A 173 -11.23 9.17 -11.71
N TYR A 174 -10.94 9.28 -10.41
CA TYR A 174 -11.93 9.70 -9.43
C TYR A 174 -11.68 11.15 -9.01
N LYS A 175 -12.76 11.92 -8.93
CA LYS A 175 -12.71 13.34 -8.60
C LYS A 175 -13.12 13.59 -7.15
N ALA A 176 -12.15 13.96 -6.32
CA ALA A 176 -12.36 14.17 -4.89
C ALA A 176 -13.17 15.43 -4.55
N LYS A 181 -7.92 14.89 5.65
CA LYS A 181 -6.48 15.25 5.46
C LYS A 181 -5.82 14.39 4.38
N TRP A 182 -4.83 14.94 3.70
CA TRP A 182 -4.22 14.26 2.58
C TRP A 182 -2.72 13.95 2.72
N PRO A 183 -2.33 12.69 2.46
CA PRO A 183 -0.90 12.32 2.43
C PRO A 183 -0.19 12.89 1.20
N VAL A 184 0.08 14.20 1.27
CA VAL A 184 0.51 15.03 0.14
C VAL A 184 1.85 14.61 -0.45
N LYS A 185 2.76 14.21 0.43
CA LYS A 185 4.08 13.74 0.04
C LYS A 185 4.02 12.47 -0.81
N TRP A 186 2.85 11.82 -0.83
CA TRP A 186 2.63 10.63 -1.66
C TRP A 186 1.83 10.87 -2.94
N TYR A 187 1.37 12.12 -3.11
CA TYR A 187 0.43 12.49 -4.17
C TYR A 187 1.11 13.07 -5.39
N ALA A 188 0.58 12.69 -6.56
CA ALA A 188 0.99 13.27 -7.83
C ALA A 188 0.47 14.71 -7.97
N PRO A 189 1.11 15.51 -8.84
CA PRO A 189 0.66 16.86 -9.17
C PRO A 189 -0.83 17.00 -9.53
N GLU A 190 -1.34 16.13 -10.41
CA GLU A 190 -2.75 16.18 -10.79
C GLU A 190 -3.71 16.08 -9.59
N CYS A 191 -3.35 15.26 -8.61
CA CYS A 191 -4.12 15.10 -7.37
C CYS A 191 -4.20 16.39 -6.60
N ILE A 192 -3.05 17.07 -6.49
CA ILE A 192 -2.97 18.34 -5.76
C ILE A 192 -3.65 19.48 -6.49
N ASN A 193 -3.48 19.52 -7.81
CA ASN A 193 -3.94 20.65 -8.60
C ASN A 193 -5.39 20.51 -9.06
N TYR A 194 -5.74 19.30 -9.49
CA TYR A 194 -7.05 19.04 -10.11
C TYR A 194 -7.93 18.05 -9.35
N TYR A 195 -7.46 17.55 -8.20
CA TYR A 195 -8.20 16.55 -7.37
C TYR A 195 -8.57 15.27 -8.15
N LYS A 196 -7.70 14.88 -9.08
CA LYS A 196 -7.94 13.75 -9.98
C LYS A 196 -7.05 12.54 -9.68
N PHE A 197 -7.66 11.45 -9.21
CA PHE A 197 -6.89 10.26 -8.83
C PHE A 197 -7.13 9.14 -9.82
N SER A 198 -6.08 8.68 -10.44
CA SER A 198 -6.12 7.57 -11.40
C SER A 198 -5.06 6.55 -10.97
N SER A 199 -4.99 5.43 -11.67
CA SER A 199 -3.95 4.43 -11.45
C SER A 199 -2.55 4.97 -11.70
N LYS A 200 -2.44 5.91 -12.63
CA LYS A 200 -1.20 6.63 -12.84
C LYS A 200 -0.74 7.43 -11.61
N SER A 201 -1.68 7.97 -10.84
CA SER A 201 -1.32 8.69 -9.62
C SER A 201 -0.93 7.76 -8.47
N ASP A 202 -1.46 6.54 -8.47
CA ASP A 202 -0.97 5.48 -7.60
C ASP A 202 0.50 5.13 -8.01
N VAL A 203 0.79 5.07 -9.32
CA VAL A 203 2.18 4.90 -9.84
C VAL A 203 3.13 5.95 -9.27
N TRP A 204 2.69 7.21 -9.24
CA TRP A 204 3.44 8.25 -8.51
C TRP A 204 3.67 7.86 -7.05
N SER A 205 2.62 7.44 -6.35
CA SER A 205 2.76 7.05 -4.94
C SER A 205 3.71 5.87 -4.77
N PHE A 206 3.73 4.99 -5.77
CA PHE A 206 4.61 3.82 -5.81
C PHE A 206 6.08 4.22 -5.86
N GLY A 207 6.37 5.25 -6.65
CA GLY A 207 7.70 5.85 -6.71
C GLY A 207 8.17 6.21 -5.31
N VAL A 208 7.34 6.96 -4.59
CA VAL A 208 7.67 7.35 -3.21
C VAL A 208 7.78 6.12 -2.31
N LEU A 209 6.99 5.09 -2.58
CA LEU A 209 7.08 3.85 -1.83
C LEU A 209 8.43 3.20 -2.10
N MET A 210 8.84 3.16 -3.36
CA MET A 210 10.14 2.58 -3.74
C MET A 210 11.25 3.28 -2.98
N TRP A 211 11.12 4.61 -2.88
CA TRP A 211 12.12 5.42 -2.22
C TRP A 211 12.19 5.08 -0.73
N GLU A 212 11.02 5.01 -0.10
CA GLU A 212 10.94 4.71 1.32
C GLU A 212 11.57 3.35 1.62
N ALA A 213 11.32 2.37 0.75
CA ALA A 213 11.82 1.02 0.94
C ALA A 213 13.33 0.93 0.76
N PHE A 214 13.87 1.58 -0.26
CA PHE A 214 15.32 1.64 -0.40
C PHE A 214 16.01 2.57 0.60
N SER A 215 15.23 3.45 1.24
CA SER A 215 15.76 4.30 2.31
C SER A 215 15.52 3.64 3.66
N TYR A 216 15.20 2.34 3.60
CA TYR A 216 14.90 1.54 4.78
C TYR A 216 13.93 2.21 5.74
N GLY A 217 12.81 2.67 5.20
CA GLY A 217 11.69 3.14 6.00
C GLY A 217 11.79 4.56 6.50
N GLN A 218 12.69 5.36 5.94
CA GLN A 218 12.74 6.77 6.30
C GLN A 218 11.59 7.55 5.63
N LYS A 219 11.09 8.58 6.30
CA LYS A 219 10.05 9.41 5.73
C LYS A 219 10.55 10.23 4.53
N PRO A 220 9.76 10.29 3.45
CA PRO A 220 10.13 11.11 2.31
C PRO A 220 9.99 12.62 2.54
N TYR A 221 10.76 13.39 1.75
CA TYR A 221 10.86 14.85 1.85
C TYR A 221 11.02 15.29 3.29
N ARG A 222 12.08 14.80 3.92
CA ARG A 222 12.35 15.01 5.33
C ARG A 222 12.23 16.48 5.74
N GLY A 223 11.42 16.72 6.77
CA GLY A 223 11.27 18.05 7.39
C GLY A 223 10.71 19.15 6.50
N MET A 224 10.12 18.77 5.38
CA MET A 224 9.45 19.71 4.48
C MET A 224 7.97 19.56 4.69
N LYS A 225 7.27 20.70 4.75
CA LYS A 225 5.81 20.74 4.75
C LYS A 225 5.25 20.58 3.34
N GLY A 226 4.01 20.08 3.26
CA GLY A 226 3.33 19.78 1.99
C GLY A 226 3.45 20.88 0.96
N SER A 227 3.28 22.12 1.41
CA SER A 227 3.44 23.32 0.58
C SER A 227 4.79 23.37 -0.15
N GLU A 228 5.86 23.05 0.58
CA GLU A 228 7.23 23.10 0.05
C GLU A 228 7.51 21.98 -0.95
N VAL A 229 6.96 20.80 -0.68
CA VAL A 229 7.08 19.64 -1.57
C VAL A 229 6.45 19.97 -2.94
N THR A 230 5.24 20.51 -2.88
CA THR A 230 4.52 20.96 -4.08
C THR A 230 5.39 21.87 -4.91
N ALA A 231 6.09 22.79 -4.25
CA ALA A 231 6.94 23.75 -4.95
C ALA A 231 8.19 23.10 -5.56
N MET A 232 8.80 22.18 -4.80
CA MET A 232 10.00 21.46 -5.22
C MET A 232 9.79 20.67 -6.50
N LEU A 233 8.68 19.92 -6.54
CA LEU A 233 8.33 19.09 -7.69
C LEU A 233 8.07 19.91 -8.94
N GLU A 234 7.29 20.98 -8.77
CA GLU A 234 6.99 21.93 -9.84
C GLU A 234 8.27 22.46 -10.52
N LYS A 235 9.33 22.63 -9.74
CA LYS A 235 10.64 23.07 -10.24
C LYS A 235 11.39 21.97 -11.03
N GLY A 236 10.89 20.75 -10.97
CA GLY A 236 11.51 19.64 -11.66
C GLY A 236 12.47 18.91 -10.76
N GLU A 237 12.52 19.30 -9.49
CA GLU A 237 13.41 18.64 -8.53
C GLU A 237 12.79 17.37 -7.96
N ARG A 238 13.58 16.30 -7.92
CA ARG A 238 13.17 15.02 -7.30
C ARG A 238 14.09 14.67 -6.12
N MET A 239 13.62 13.76 -5.27
CA MET A 239 14.44 13.20 -4.19
C MET A 239 15.59 12.43 -4.80
N GLY A 240 16.73 12.42 -4.10
CA GLY A 240 17.96 11.81 -4.60
C GLY A 240 18.00 10.32 -4.41
N CYS A 241 19.04 9.68 -4.94
CA CYS A 241 19.20 8.24 -4.81
C CYS A 241 19.52 7.84 -3.37
N PRO A 242 18.71 6.95 -2.77
CA PRO A 242 19.02 6.43 -1.43
C PRO A 242 20.34 5.65 -1.47
N ALA A 243 21.11 5.68 -0.40
CA ALA A 243 22.38 4.94 -0.33
C ALA A 243 22.22 3.46 -0.65
N GLY A 244 23.03 2.97 -1.59
CA GLY A 244 23.06 1.54 -1.93
C GLY A 244 21.92 1.06 -2.80
N CYS A 245 21.12 2.00 -3.30
CA CYS A 245 20.06 1.69 -4.24
C CYS A 245 20.64 1.62 -5.64
N PRO A 246 20.38 0.52 -6.36
CA PRO A 246 20.85 0.30 -7.73
C PRO A 246 20.33 1.37 -8.66
N ARG A 247 21.21 1.90 -9.50
CA ARG A 247 20.88 2.94 -10.48
C ARG A 247 19.53 2.66 -11.17
N GLU A 248 19.39 1.41 -11.59
CA GLU A 248 18.23 0.92 -12.33
C GLU A 248 16.91 1.09 -11.58
N MET A 249 16.96 1.03 -10.25
CA MET A 249 15.78 1.20 -9.40
C MET A 249 15.45 2.68 -9.19
N TYR A 250 16.49 3.50 -9.13
CA TYR A 250 16.32 4.95 -9.08
C TYR A 250 15.79 5.54 -10.40
N ASP A 251 16.15 4.93 -11.53
CA ASP A 251 15.60 5.32 -12.82
C ASP A 251 14.10 5.08 -12.84
N LEU A 252 13.70 3.88 -12.42
CA LEU A 252 12.29 3.54 -12.29
C LEU A 252 11.53 4.53 -11.35
N MET A 253 12.11 4.83 -10.20
CA MET A 253 11.60 5.87 -9.30
C MET A 253 11.28 7.20 -9.98
N ASN A 254 12.26 7.74 -10.71
CA ASN A 254 12.11 9.01 -11.43
C ASN A 254 11.04 8.94 -12.53
N LEU A 255 10.99 7.78 -13.18
CA LEU A 255 10.01 7.48 -14.23
C LEU A 255 8.60 7.50 -13.66
N CYS A 256 8.42 6.93 -12.46
CA CYS A 256 7.16 7.01 -11.70
C CYS A 256 6.81 8.44 -11.38
N TRP A 257 7.84 9.27 -11.32
CA TRP A 257 7.71 10.65 -10.91
C TRP A 257 7.57 11.57 -12.12
N THR A 258 7.10 11.03 -13.24
CA THR A 258 6.83 11.83 -14.43
C THR A 258 5.66 12.76 -14.14
N TYR A 259 5.92 14.06 -14.27
CA TYR A 259 4.97 15.12 -13.87
C TYR A 259 3.63 14.98 -14.61
N ASP A 260 3.73 14.85 -15.94
CA ASP A 260 2.57 14.80 -16.81
C ASP A 260 1.96 13.40 -16.85
N VAL A 261 0.75 13.30 -16.27
CA VAL A 261 0.03 12.02 -16.10
C VAL A 261 0.07 11.19 -17.37
N GLU A 262 -0.07 11.87 -18.50
CA GLU A 262 -0.15 11.25 -19.82
C GLU A 262 1.09 10.47 -20.22
N ASN A 263 2.26 10.98 -19.82
CA ASN A 263 3.54 10.34 -20.16
C ASN A 263 4.11 9.40 -19.07
N ARG A 264 3.42 9.32 -17.93
CA ARG A 264 3.78 8.45 -16.83
C ARG A 264 3.37 7.01 -17.16
N PRO A 265 4.27 6.03 -16.89
CA PRO A 265 3.89 4.64 -17.13
C PRO A 265 2.73 4.17 -16.24
N GLY A 266 2.03 3.13 -16.70
CA GLY A 266 1.07 2.42 -15.89
C GLY A 266 1.81 1.29 -15.18
N PHE A 267 1.10 0.61 -14.27
CA PHE A 267 1.70 -0.45 -13.46
C PHE A 267 2.07 -1.68 -14.26
N ALA A 268 1.55 -1.82 -15.47
CA ALA A 268 1.95 -2.89 -16.40
C ALA A 268 3.42 -2.71 -16.78
N ALA A 269 3.73 -1.61 -17.43
CA ALA A 269 5.10 -1.23 -17.78
C ALA A 269 6.03 -1.18 -16.57
N VAL A 270 5.48 -0.77 -15.43
CA VAL A 270 6.24 -0.68 -14.16
C VAL A 270 6.59 -2.07 -13.65
N GLU A 271 5.57 -2.92 -13.46
CA GLU A 271 5.78 -4.28 -12.97
C GLU A 271 6.77 -5.10 -13.84
N LEU A 272 6.68 -4.97 -15.16
CA LEU A 272 7.55 -5.71 -16.08
C LEU A 272 9.03 -5.29 -15.94
N ARG A 273 9.25 -3.99 -15.80
CA ARG A 273 10.57 -3.45 -15.49
C ARG A 273 11.15 -4.09 -14.24
N LEU A 274 10.34 -4.14 -13.17
CA LEU A 274 10.78 -4.74 -11.91
C LEU A 274 11.03 -6.24 -12.01
N ARG A 275 10.05 -6.95 -12.57
CA ARG A 275 10.15 -8.38 -12.87
C ARG A 275 11.47 -8.72 -13.54
N ASN A 276 11.79 -7.99 -14.61
CA ASN A 276 13.02 -8.22 -15.39
C ASN A 276 14.29 -8.00 -14.61
N TYR A 277 14.37 -6.86 -13.92
CA TYR A 277 15.55 -6.52 -13.14
C TYR A 277 15.78 -7.50 -11.99
N TYR A 278 14.68 -7.91 -11.35
CA TYR A 278 14.73 -8.85 -10.23
C TYR A 278 15.29 -10.19 -10.67
N TYR A 279 15.04 -10.58 -11.91
CA TYR A 279 15.53 -11.84 -12.44
C TYR A 279 17.00 -11.73 -12.89
N ASP A 280 17.40 -10.53 -13.29
CA ASP A 280 18.80 -10.19 -13.54
C ASP A 280 19.61 -10.15 -12.26
N VAL A 281 18.97 -9.72 -11.17
CA VAL A 281 19.61 -9.74 -9.86
C VAL A 281 19.67 -11.17 -9.32
N VAL A 282 18.65 -11.97 -9.61
CA VAL A 282 18.63 -13.37 -9.18
C VAL A 282 19.69 -14.19 -9.94
N ASN A 283 19.86 -13.88 -11.22
CA ASN A 283 20.91 -14.45 -12.07
C ASN A 283 22.32 -14.11 -11.57
N GLU A 284 22.49 -12.92 -10.98
CA GLU A 284 23.83 -12.47 -10.55
C GLU A 284 24.35 -13.18 -9.30
N GLY A 285 23.49 -13.27 -8.28
CA GLY A 285 23.82 -14.01 -7.05
C GLY A 285 24.30 -15.42 -7.33
N HIS A 286 23.60 -16.12 -8.21
CA HIS A 286 23.96 -17.49 -8.64
C HIS A 286 25.32 -17.55 -9.31
N HIS A 287 25.69 -16.49 -10.01
CA HIS A 287 27.00 -16.38 -10.65
C HIS A 287 28.09 -15.93 -9.67
N1 0VE B . -3.63 -5.74 9.26
C2 0VE B . -2.55 -6.48 9.74
C3 0VE B . -1.70 -5.91 10.72
C4 0VE B . -3.83 -4.45 9.71
N5 0VE B . -1.97 -4.68 11.13
C6 0VE B . -2.98 -3.96 10.65
N7 0VE B . -2.57 -7.66 9.16
C8 0VE B . -4.93 -3.59 9.17
N9 0VE B . -0.62 -6.68 11.21
C10 0VE B . -4.26 -6.54 8.35
C11 0VE B . -3.60 -7.71 8.33
C12 0VE B . 2.32 -5.35 13.94
C13 0VE B . -5.19 -3.58 7.79
N14 0VE B . 3.28 -4.88 14.84
C15 0VE B . 0.35 -6.22 12.12
C16 0VE B . 1.33 -4.48 13.49
C17 0VE B . 2.34 -6.67 13.45
C18 0VE B . -6.20 -2.74 7.29
C19 0VE B . 0.35 -4.92 12.61
C20 0VE B . 1.37 -7.10 12.55
O21 0VE B . -6.48 -2.76 5.96
C22 0VE B . -5.68 -2.74 10.02
O23 0VE B . 6.11 -6.73 16.26
C24 0VE B . -6.67 -1.90 9.51
C25 0VE B . 4.63 -5.47 14.87
C26 0VE B . 2.97 -3.76 15.77
C27 0VE B . -6.93 -1.91 8.14
C28 0VE B . 4.73 -6.53 15.96
C29 0VE B . 2.74 -4.25 17.21
#